data_2WIG
#
_entry.id   2WIG
#
_cell.length_a   155.010
_cell.length_b   155.010
_cell.length_c   126.840
_cell.angle_alpha   90.00
_cell.angle_beta   90.00
_cell.angle_gamma   90.00
#
_symmetry.space_group_name_H-M   'I 4 2 2'
#
loop_
_entity.id
_entity.type
_entity.pdbx_description
1 polymer CHOLINESTERASE
2 branched 2-acetamido-2-deoxy-beta-D-glucopyranose-(1-4)-[beta-L-fucopyranose-(1-6)]2-acetamido-2-deoxy-beta-D-glucopyranose
3 branched beta-L-fucopyranose-(1-6)-2-acetamido-2-deoxy-beta-D-glucopyranose
4 non-polymer 'ETHYL HYDROGEN METHYLAMIDOPHOSPHATE'
5 non-polymer 'SODIUM ION'
6 non-polymer 'SULFATE ION'
7 non-polymer 'CHLORIDE ION'
8 non-polymer 2-acetamido-2-deoxy-beta-D-glucopyranose
9 water water
#
_entity_poly.entity_id   1
_entity_poly.type   'polypeptide(L)'
_entity_poly.pdbx_seq_one_letter_code
;EDDIIIATKNGKVRGMQLTVFGGTVTAFLGIPYAQPPLGRLRFKKPQSLTKWTDIWNATKYANSCCQNIDQSFPGFHGSE
MWNPNTDLSEDCLYLNVWIPAPKPKNATVLIWIYGGGFQTGTSSLHVYDGKFLARVERVIVVSMNYRVGALGFLALPGNP
EAPGNMGLFDQQLALQWVQKNIAAFGGNPKSVTLFGESAGAASVSLHLLSPGSHSLFTRAILQSGSFNAPWAVTSLYEAR
NRTLNLAKLTGCSRENETEIIKCLRNKDPQEILLNEAFVVPYGTPLSVNFGPTVDGDFLTDMPDILLELGQFKKTQILVG
VNKDEGTAFLVYGAPGFSKDNNSIITRKEFQEGLKIFFPGVSEFGKESILFHYTDWVDDQRPENYREALGDVVGDYNFIC
PALEFTKKFSEWGNNAFFYYFEHRSSKLPWPEWMGVMHGYEIEFVFGLPLERRDQYTKAEEILSRSIVKRWANFAKYGNP
QETQNNSTSWPVFKSTEQKYLTLNTESTRIMTKLRAQQCRFWTSFFPKV
;
_entity_poly.pdbx_strand_id   A
#
loop_
_chem_comp.id
_chem_comp.type
_chem_comp.name
_chem_comp.formula
CL non-polymer 'CHLORIDE ION' 'Cl -1'
FUL L-saccharide, beta linking beta-L-fucopyranose 'C6 H12 O5'
NA non-polymer 'SODIUM ION' 'Na 1'
NAG D-saccharide, beta linking 2-acetamido-2-deoxy-beta-D-glucopyranose 'C8 H15 N O6'
SO4 non-polymer 'SULFATE ION' 'O4 S -2'
TC3 non-polymer 'ETHYL HYDROGEN METHYLAMIDOPHOSPHATE' 'C3 H10 N O3 P'
#
# COMPACT_ATOMS: atom_id res chain seq x y z
N ASP A 3 21.05 28.08 -2.05
CA ASP A 3 20.12 27.76 -3.18
C ASP A 3 20.51 26.47 -3.93
N ILE A 4 19.60 25.50 -3.98
CA ILE A 4 19.95 24.15 -4.50
C ILE A 4 19.26 23.75 -5.80
N ILE A 5 20.04 23.73 -6.86
CA ILE A 5 19.50 23.43 -8.16
C ILE A 5 20.18 22.20 -8.67
N ILE A 6 19.37 21.27 -9.15
CA ILE A 6 19.87 20.02 -9.66
C ILE A 6 19.51 19.94 -11.12
N ALA A 7 20.46 19.56 -11.96
CA ALA A 7 20.14 19.35 -13.35
C ALA A 7 19.64 17.92 -13.60
N THR A 8 18.41 17.77 -14.07
CA THR A 8 17.88 16.46 -14.43
C THR A 8 17.86 16.25 -15.94
N LYS A 9 17.69 15.02 -16.40
CA LYS A 9 17.55 14.77 -17.84
C LYS A 9 16.51 15.68 -18.50
N ASN A 10 15.49 16.11 -17.75
CA ASN A 10 14.40 16.87 -18.36
C ASN A 10 14.44 18.36 -18.07
N GLY A 11 15.33 18.77 -17.20
CA GLY A 11 15.48 20.16 -16.92
C GLY A 11 16.03 20.34 -15.53
N LYS A 12 16.16 21.59 -15.11
CA LYS A 12 16.61 21.91 -13.78
C LYS A 12 15.46 21.93 -12.77
N VAL A 13 15.78 21.63 -11.53
CA VAL A 13 14.78 21.70 -10.50
C VAL A 13 15.38 22.38 -9.30
N ARG A 14 14.63 23.28 -8.70
CA ARG A 14 15.07 23.89 -7.45
C ARG A 14 14.32 23.26 -6.25
N GLY A 15 15.02 23.04 -5.15
CA GLY A 15 14.46 22.39 -4.00
C GLY A 15 14.42 23.38 -2.88
N MET A 16 14.23 22.90 -1.67
CA MET A 16 14.14 23.78 -0.54
C MET A 16 14.82 23.14 0.66
N GLN A 17 15.41 23.94 1.54
CA GLN A 17 16.13 23.34 2.68
C GLN A 17 15.21 23.20 3.87
N LEU A 18 15.39 22.14 4.66
CA LEU A 18 14.51 21.89 5.80
C LEU A 18 15.35 21.60 7.02
N THR A 19 14.98 22.16 8.14
CA THR A 19 15.72 21.88 9.35
C THR A 19 15.05 20.69 9.97
N VAL A 20 15.85 19.65 10.21
CA VAL A 20 15.31 18.48 10.88
C VAL A 20 16.33 18.01 11.88
N PHE A 21 15.93 18.00 13.14
CA PHE A 21 16.78 17.46 14.19
C PHE A 21 18.15 18.12 14.11
N GLY A 22 18.16 19.44 14.02
CA GLY A 22 19.39 20.21 14.09
C GLY A 22 20.30 19.93 12.94
N GLY A 23 19.73 19.62 11.80
CA GLY A 23 20.54 19.22 10.65
C GLY A 23 19.75 19.72 9.49
N THR A 24 20.18 19.43 8.28
CA THR A 24 19.43 19.85 7.13
C THR A 24 19.09 18.78 6.11
N VAL A 25 17.84 18.78 5.67
CA VAL A 25 17.44 17.95 4.54
C VAL A 25 17.00 18.84 3.40
N THR A 26 17.35 18.47 2.17
CA THR A 26 16.83 19.12 0.97
C THR A 26 15.69 18.31 0.32
N ALA A 27 14.52 18.96 0.17
CA ALA A 27 13.29 18.33 -0.29
C ALA A 27 13.00 18.94 -1.63
N PHE A 28 12.74 18.08 -2.60
CA PHE A 28 12.31 18.53 -3.91
C PHE A 28 10.92 17.98 -4.07
N LEU A 29 9.94 18.77 -3.67
CA LEU A 29 8.56 18.34 -3.66
C LEU A 29 7.87 18.65 -5.01
N GLY A 30 7.14 17.67 -5.54
CA GLY A 30 6.32 17.86 -6.72
C GLY A 30 7.11 18.02 -8.01
N ILE A 31 8.11 17.17 -8.26
CA ILE A 31 8.74 17.11 -9.61
C ILE A 31 7.90 16.26 -10.58
N PRO A 32 7.68 16.76 -11.81
CA PRO A 32 6.81 15.97 -12.69
C PRO A 32 7.58 14.82 -13.33
N TYR A 33 6.92 13.72 -13.63
CA TYR A 33 7.64 12.55 -14.15
C TYR A 33 7.00 12.00 -15.41
N ALA A 34 5.82 12.52 -15.75
CA ALA A 34 5.17 12.14 -17.02
C ALA A 34 4.37 13.32 -17.63
N GLN A 35 3.88 13.17 -18.86
CA GLN A 35 2.98 14.19 -19.38
C GLN A 35 1.68 14.07 -18.62
N PRO A 36 1.06 15.20 -18.24
CA PRO A 36 -0.25 15.17 -17.58
C PRO A 36 -1.23 14.27 -18.36
N PRO A 37 -1.94 13.35 -17.70
CA PRO A 37 -2.69 12.42 -18.54
C PRO A 37 -4.11 12.89 -18.75
N LEU A 38 -4.22 14.00 -19.47
CA LEU A 38 -5.47 14.72 -19.69
C LEU A 38 -6.04 14.52 -21.07
N GLY A 39 -7.33 14.79 -21.19
CA GLY A 39 -7.94 14.78 -22.50
C GLY A 39 -7.86 13.44 -23.16
N ARG A 40 -7.08 13.39 -24.22
CA ARG A 40 -6.95 12.20 -25.08
C ARG A 40 -6.02 11.12 -24.46
N LEU A 41 -5.26 11.52 -23.42
CA LEU A 41 -4.37 10.65 -22.66
C LEU A 41 -5.05 10.03 -21.45
N ARG A 42 -6.27 10.48 -21.11
CA ARG A 42 -7.03 9.84 -20.06
C ARG A 42 -7.23 8.34 -20.33
N PHE A 43 -6.97 7.52 -19.29
CA PHE A 43 -7.03 6.04 -19.33
C PHE A 43 -5.91 5.39 -20.12
N LYS A 44 -4.96 6.19 -20.61
CA LYS A 44 -3.85 5.62 -21.30
C LYS A 44 -2.64 5.54 -20.36
N LYS A 45 -1.71 4.67 -20.75
CA LYS A 45 -0.42 4.50 -20.14
C LYS A 45 0.23 5.89 -20.13
N PRO A 46 1.05 6.17 -19.10
CA PRO A 46 1.67 7.47 -18.94
C PRO A 46 2.68 7.68 -20.07
N GLN A 47 2.80 8.91 -20.57
CA GLN A 47 3.70 9.19 -21.68
C GLN A 47 4.89 9.96 -21.14
N SER A 48 6.06 9.70 -21.69
CA SER A 48 7.28 10.26 -21.14
C SER A 48 7.28 11.80 -21.27
N LEU A 49 8.14 12.42 -20.49
CA LEU A 49 8.08 13.86 -20.28
C LEU A 49 9.15 14.56 -21.08
N THR A 50 8.81 15.72 -21.67
CA THR A 50 9.80 16.45 -22.45
C THR A 50 10.37 17.69 -21.72
N LYS A 51 11.62 18.04 -22.05
CA LYS A 51 12.35 19.13 -21.37
C LYS A 51 11.53 20.41 -21.14
N TRP A 52 11.62 20.96 -19.92
CA TRP A 52 11.29 22.36 -19.63
C TRP A 52 12.66 23.00 -19.45
N THR A 53 12.80 24.32 -19.38
CA THR A 53 14.16 24.80 -19.51
C THR A 53 14.50 26.27 -19.50
N ASP A 54 14.26 27.00 -18.41
CA ASP A 54 13.41 26.58 -17.30
C ASP A 54 14.11 26.05 -16.05
N ILE A 55 13.86 26.70 -14.90
CA ILE A 55 14.15 26.11 -13.60
C ILE A 55 12.85 25.74 -12.86
N TRP A 56 12.47 24.45 -12.88
CA TRP A 56 11.26 24.00 -12.19
C TRP A 56 11.41 24.14 -10.68
N ASN A 57 10.46 24.80 -10.04
CA ASN A 57 10.51 25.07 -8.61
C ASN A 57 9.79 23.93 -7.86
N ALA A 58 10.53 23.06 -7.17
CA ALA A 58 9.90 21.90 -6.52
C ALA A 58 9.81 22.16 -5.02
N THR A 59 8.88 23.04 -4.67
CA THR A 59 8.93 23.68 -3.36
C THR A 59 7.63 23.43 -2.64
N LYS A 60 6.71 22.77 -3.33
CA LYS A 60 5.53 22.30 -2.64
C LYS A 60 5.00 20.99 -3.22
N TYR A 61 4.25 20.25 -2.42
CA TYR A 61 3.58 19.03 -2.93
C TYR A 61 2.68 19.34 -4.10
N ALA A 62 2.60 18.46 -5.08
CA ALA A 62 1.73 18.68 -6.23
C ALA A 62 0.29 18.27 -5.97
N ASN A 63 -0.57 18.42 -6.97
CA ASN A 63 -1.90 17.89 -6.86
C ASN A 63 -1.91 16.36 -6.63
N SER A 64 -2.90 15.88 -5.85
CA SER A 64 -3.18 14.48 -5.72
C SER A 64 -4.09 14.06 -6.88
N CYS A 65 -4.10 12.76 -7.23
CA CYS A 65 -4.95 12.27 -8.28
C CYS A 65 -6.42 12.29 -7.84
N CYS A 66 -7.32 12.38 -8.82
CA CYS A 66 -8.75 12.40 -8.51
C CYS A 66 -9.10 11.15 -7.74
N GLN A 67 -10.02 11.29 -6.80
CA GLN A 67 -10.39 10.14 -6.00
C GLN A 67 -11.56 10.54 -5.08
N ASN A 68 -12.42 9.57 -4.78
CA ASN A 68 -13.41 9.77 -3.78
C ASN A 68 -12.75 9.90 -2.47
N ILE A 69 -13.42 10.55 -1.53
CA ILE A 69 -12.88 10.84 -0.22
C ILE A 69 -13.72 10.18 0.88
N ASP A 70 -13.09 9.84 1.99
CA ASP A 70 -13.79 9.23 3.13
C ASP A 70 -14.51 10.32 4.01
N GLN A 71 -15.84 10.41 3.89
CA GLN A 71 -16.71 11.38 4.60
C GLN A 71 -17.49 10.71 5.70
N SER A 72 -17.07 9.51 6.10
CA SER A 72 -17.77 8.84 7.19
C SER A 72 -17.66 9.57 8.51
N PHE A 73 -16.49 10.10 8.85
CA PHE A 73 -16.35 10.72 10.17
C PHE A 73 -15.87 12.16 10.05
N PRO A 74 -16.70 13.05 9.47
CA PRO A 74 -16.20 14.43 9.26
C PRO A 74 -15.70 14.97 10.57
N GLY A 75 -14.51 15.58 10.57
CA GLY A 75 -14.01 16.20 11.79
C GLY A 75 -13.09 15.31 12.58
N PHE A 76 -13.09 14.03 12.23
CA PHE A 76 -12.33 13.04 13.00
C PHE A 76 -10.94 12.79 12.41
N HIS A 77 -9.90 12.98 13.22
CA HIS A 77 -8.52 12.82 12.75
C HIS A 77 -8.19 11.37 12.25
N GLY A 78 -8.70 10.36 12.97
CA GLY A 78 -8.46 8.95 12.62
C GLY A 78 -8.74 8.61 11.18
N SER A 79 -9.82 9.15 10.61
CA SER A 79 -10.13 8.90 9.21
C SER A 79 -9.61 9.99 8.28
N GLU A 80 -9.80 11.25 8.69
CA GLU A 80 -9.45 12.36 7.81
C GLU A 80 -7.96 12.45 7.58
N MET A 81 -7.13 11.96 8.49
CA MET A 81 -5.67 11.89 8.23
C MET A 81 -5.25 11.17 6.95
N TRP A 82 -6.09 10.28 6.44
CA TRP A 82 -5.85 9.52 5.17
C TRP A 82 -6.37 10.25 3.91
N ASN A 83 -7.20 11.28 4.12
CA ASN A 83 -7.77 12.01 2.96
C ASN A 83 -6.73 12.89 2.31
N PRO A 84 -6.86 13.15 1.01
CA PRO A 84 -5.84 13.97 0.31
C PRO A 84 -5.66 15.33 0.97
N ASN A 85 -4.43 15.89 0.96
CA ASN A 85 -4.19 17.21 1.47
C ASN A 85 -3.59 18.15 0.40
N THR A 86 -3.71 17.84 -0.88
CA THR A 86 -3.50 18.83 -1.90
C THR A 86 -4.70 18.76 -2.83
N ASP A 87 -4.92 19.78 -3.66
CA ASP A 87 -6.03 19.76 -4.64
C ASP A 87 -5.98 18.51 -5.43
N LEU A 88 -7.16 18.01 -5.82
CA LEU A 88 -7.33 16.88 -6.72
C LEU A 88 -7.26 17.34 -8.18
N SER A 89 -6.66 16.55 -9.03
CA SER A 89 -6.61 16.98 -10.40
C SER A 89 -6.13 15.81 -11.20
N GLU A 90 -6.60 15.64 -12.42
CA GLU A 90 -6.00 14.65 -13.31
C GLU A 90 -4.54 14.90 -13.59
N ASP A 91 -4.13 16.15 -13.37
CA ASP A 91 -2.76 16.50 -13.57
C ASP A 91 -2.07 16.26 -12.20
N CYS A 92 -1.66 15.00 -11.95
CA CYS A 92 -1.21 14.62 -10.61
C CYS A 92 0.09 13.76 -10.70
N LEU A 93 0.63 13.58 -11.91
CA LEU A 93 1.82 12.72 -12.08
C LEU A 93 3.15 13.37 -11.71
N TYR A 94 3.37 13.52 -10.40
CA TYR A 94 4.56 14.12 -9.81
C TYR A 94 5.13 13.18 -8.73
N LEU A 95 6.39 13.45 -8.39
CA LEU A 95 7.06 12.73 -7.35
C LEU A 95 7.87 13.67 -6.46
N ASN A 96 8.33 13.16 -5.33
CA ASN A 96 9.04 13.92 -4.32
C ASN A 96 10.35 13.20 -4.04
N VAL A 97 11.40 13.98 -3.79
CA VAL A 97 12.73 13.48 -3.48
C VAL A 97 13.20 14.19 -2.21
N TRP A 98 13.70 13.45 -1.22
CA TRP A 98 14.29 14.08 -0.06
C TRP A 98 15.70 13.53 -0.01
N ILE A 99 16.67 14.40 0.16
CA ILE A 99 18.04 13.99 0.20
C ILE A 99 18.70 14.58 1.44
N PRO A 100 19.64 13.83 2.04
CA PRO A 100 20.38 14.35 3.17
C PRO A 100 21.20 15.59 2.73
N ALA A 101 21.59 16.43 3.69
CA ALA A 101 22.53 17.51 3.45
C ALA A 101 23.62 17.38 4.49
N PRO A 102 24.89 17.45 4.07
CA PRO A 102 25.30 17.65 2.68
C PRO A 102 24.91 16.48 1.76
N LYS A 103 24.77 16.82 0.47
CA LYS A 103 24.42 15.93 -0.59
C LYS A 103 25.24 14.67 -0.46
N PRO A 104 24.58 13.51 -0.52
CA PRO A 104 25.30 12.25 -0.35
C PRO A 104 26.10 11.94 -1.59
N LYS A 105 27.02 10.96 -1.48
CA LYS A 105 27.79 10.56 -2.63
C LYS A 105 27.14 9.48 -3.51
N ASN A 106 26.53 8.47 -2.89
CA ASN A 106 26.00 7.34 -3.64
C ASN A 106 25.01 6.64 -2.67
N ALA A 107 23.99 7.37 -2.26
CA ALA A 107 23.11 6.97 -1.19
C ALA A 107 22.16 5.90 -1.66
N THR A 108 21.82 5.01 -0.74
CA THR A 108 20.74 4.08 -1.02
C THR A 108 19.38 4.83 -1.14
N VAL A 109 18.57 4.40 -2.12
CA VAL A 109 17.25 4.99 -2.35
C VAL A 109 16.05 4.09 -1.88
N LEU A 110 15.16 4.71 -1.11
CA LEU A 110 13.89 4.15 -0.66
C LEU A 110 12.71 4.81 -1.45
N ILE A 111 11.97 4.00 -2.23
CA ILE A 111 10.83 4.52 -2.94
C ILE A 111 9.53 4.03 -2.38
N TRP A 112 8.74 4.97 -1.86
CA TRP A 112 7.45 4.66 -1.20
C TRP A 112 6.27 4.62 -2.14
N ILE A 113 5.48 3.55 -2.08
CA ILE A 113 4.27 3.47 -2.84
C ILE A 113 3.08 3.42 -1.92
N TYR A 114 2.21 4.45 -1.93
CA TYR A 114 1.11 4.53 -0.93
C TYR A 114 0.03 3.52 -1.19
N GLY A 115 -0.64 3.12 -0.11
CA GLY A 115 -1.88 2.42 -0.21
C GLY A 115 -3.14 3.34 -0.29
N GLY A 116 -4.30 2.70 -0.21
CA GLY A 116 -5.57 3.31 -0.37
C GLY A 116 -6.47 2.47 -1.26
N GLY A 117 -6.25 1.15 -1.30
CA GLY A 117 -7.25 0.25 -1.97
C GLY A 117 -7.21 0.34 -3.50
N PHE A 118 -6.18 1.00 -4.02
CA PHE A 118 -6.06 1.38 -5.44
C PHE A 118 -7.14 2.42 -5.86
N GLN A 119 -7.88 3.00 -4.90
CA GLN A 119 -9.02 3.86 -5.23
C GLN A 119 -8.72 5.24 -4.71
N THR A 120 -7.80 5.32 -3.75
CA THR A 120 -7.42 6.53 -3.07
C THR A 120 -5.92 6.57 -2.71
N GLY A 121 -5.43 7.74 -2.32
CA GLY A 121 -4.20 7.90 -1.57
C GLY A 121 -3.39 9.01 -2.20
N THR A 122 -2.36 9.47 -1.51
CA THR A 122 -1.51 10.48 -2.10
C THR A 122 -0.17 10.43 -1.39
N SER A 123 0.92 10.80 -2.09
CA SER A 123 2.22 10.84 -1.46
C SER A 123 2.49 11.99 -0.50
N SER A 124 1.60 12.98 -0.46
CA SER A 124 1.88 14.16 0.36
C SER A 124 1.39 14.03 1.80
N LEU A 125 0.78 12.92 2.15
CA LEU A 125 0.38 12.78 3.54
C LEU A 125 1.54 12.93 4.51
N HIS A 126 1.17 13.38 5.70
CA HIS A 126 2.13 13.72 6.71
C HIS A 126 2.85 12.44 7.22
N VAL A 127 2.14 11.31 7.24
CA VAL A 127 2.74 10.07 7.74
C VAL A 127 3.71 9.46 6.72
N TYR A 128 3.69 9.96 5.47
CA TYR A 128 4.63 9.56 4.43
C TYR A 128 5.79 10.57 4.20
N ASP A 129 5.94 11.51 5.11
CA ASP A 129 6.98 12.54 4.92
C ASP A 129 8.38 11.95 5.09
N GLY A 130 9.20 11.91 4.05
CA GLY A 130 10.46 11.23 4.18
C GLY A 130 11.69 12.01 4.63
N LYS A 131 11.48 13.19 5.19
CA LYS A 131 12.62 13.98 5.72
C LYS A 131 13.26 13.39 6.98
N PHE A 132 12.49 12.72 7.83
CA PHE A 132 13.13 12.05 8.94
C PHE A 132 14.09 10.94 8.52
N LEU A 133 13.71 10.10 7.55
CA LEU A 133 14.53 9.00 7.08
C LEU A 133 15.84 9.54 6.47
N ALA A 134 15.68 10.59 5.67
CA ALA A 134 16.81 11.14 4.93
C ALA A 134 17.79 11.73 5.97
N ARG A 135 17.24 12.46 6.94
CA ARG A 135 18.06 13.04 7.97
C ARG A 135 18.78 12.00 8.82
N VAL A 136 18.00 11.05 9.35
CA VAL A 136 18.49 10.11 10.32
C VAL A 136 19.35 9.00 9.72
N GLU A 137 19.00 8.49 8.54
CA GLU A 137 19.68 7.34 7.96
C GLU A 137 20.48 7.71 6.71
N ARG A 138 20.36 8.96 6.26
CA ARG A 138 21.17 9.41 5.14
C ARG A 138 20.83 8.56 3.91
N VAL A 139 19.60 8.10 3.85
CA VAL A 139 19.13 7.53 2.60
C VAL A 139 18.40 8.66 1.86
N ILE A 140 18.23 8.51 0.56
CA ILE A 140 17.29 9.31 -0.23
C ILE A 140 15.92 8.63 -0.23
N VAL A 141 14.87 9.40 0.01
CA VAL A 141 13.49 8.91 -0.06
C VAL A 141 12.78 9.53 -1.28
N VAL A 142 12.15 8.70 -2.10
CA VAL A 142 11.36 9.14 -3.23
C VAL A 142 9.94 8.57 -3.00
N SER A 143 8.93 9.34 -3.45
CA SER A 143 7.53 8.88 -3.46
C SER A 143 6.80 9.51 -4.62
N MET A 144 5.83 8.83 -5.23
CA MET A 144 5.19 9.33 -6.43
C MET A 144 3.66 9.26 -6.27
N ASN A 145 2.93 10.22 -6.91
CA ASN A 145 1.49 10.02 -7.10
C ASN A 145 1.27 9.23 -8.34
N TYR A 146 0.38 8.25 -8.22
CA TYR A 146 -0.03 7.46 -9.37
C TYR A 146 -1.58 7.51 -9.37
N ARG A 147 -2.20 7.34 -10.55
CA ARG A 147 -3.64 7.40 -10.73
C ARG A 147 -4.32 6.21 -10.07
N VAL A 148 -5.51 6.47 -9.53
CA VAL A 148 -6.24 5.51 -8.75
C VAL A 148 -7.69 5.53 -9.23
N GLY A 149 -8.51 4.59 -8.76
CA GLY A 149 -9.85 4.44 -9.28
C GLY A 149 -9.92 4.08 -10.75
N ALA A 150 -11.06 4.35 -11.40
CA ALA A 150 -11.22 4.06 -12.81
C ALA A 150 -10.18 4.74 -13.63
N LEU A 151 -9.79 5.94 -13.25
CA LEU A 151 -8.82 6.70 -14.04
C LEU A 151 -7.43 6.06 -14.08
N GLY A 152 -7.12 5.26 -13.05
CA GLY A 152 -5.84 4.53 -12.99
C GLY A 152 -6.02 3.07 -13.36
N PHE A 153 -7.21 2.50 -13.27
CA PHE A 153 -7.28 1.05 -13.47
C PHE A 153 -8.40 0.51 -14.34
N LEU A 154 -9.24 1.41 -14.85
CA LEU A 154 -10.26 0.97 -15.83
C LEU A 154 -9.62 0.06 -16.89
N ALA A 155 -10.30 -1.01 -17.22
CA ALA A 155 -9.72 -1.95 -18.16
C ALA A 155 -10.74 -2.44 -19.20
N LEU A 156 -10.32 -2.28 -20.44
CA LEU A 156 -11.03 -2.85 -21.54
C LEU A 156 -9.91 -3.64 -22.17
N PRO A 157 -9.83 -4.94 -21.80
CA PRO A 157 -8.67 -5.80 -22.04
C PRO A 157 -8.12 -5.82 -23.48
N GLY A 158 -6.82 -5.60 -23.61
CA GLY A 158 -6.16 -5.67 -24.91
C GLY A 158 -6.26 -4.41 -25.73
N ASN A 159 -7.14 -3.50 -25.29
CA ASN A 159 -7.43 -2.24 -25.99
C ASN A 159 -6.64 -1.07 -25.43
N PRO A 160 -5.68 -0.52 -26.21
CA PRO A 160 -4.72 0.46 -25.68
C PRO A 160 -5.31 1.81 -25.31
N GLU A 161 -6.63 1.93 -25.50
CA GLU A 161 -7.34 3.14 -25.13
C GLU A 161 -7.67 3.07 -23.64
N ALA A 162 -7.85 1.85 -23.15
CA ALA A 162 -8.05 1.57 -21.71
C ALA A 162 -7.47 0.21 -21.39
N PRO A 163 -6.14 0.14 -21.26
CA PRO A 163 -5.67 -1.24 -21.24
C PRO A 163 -5.67 -1.86 -19.85
N GLY A 164 -5.71 -1.02 -18.80
CA GLY A 164 -5.70 -1.46 -17.43
C GLY A 164 -4.34 -1.16 -16.82
N ASN A 165 -4.23 -1.24 -15.49
CA ASN A 165 -2.93 -1.09 -14.82
C ASN A 165 -2.20 0.21 -15.05
N MET A 166 -2.90 1.20 -15.56
CA MET A 166 -2.24 2.48 -15.83
C MET A 166 -1.55 3.02 -14.60
N GLY A 167 -2.21 2.91 -13.44
CA GLY A 167 -1.60 3.44 -12.20
C GLY A 167 -0.34 2.66 -11.79
N LEU A 168 -0.29 1.39 -12.18
CA LEU A 168 0.92 0.58 -11.97
C LEU A 168 2.02 1.03 -12.99
N PHE A 169 1.61 1.37 -14.23
CA PHE A 169 2.57 1.98 -15.17
C PHE A 169 3.07 3.40 -14.77
N ASP A 170 2.21 4.18 -14.11
CA ASP A 170 2.68 5.43 -13.51
C ASP A 170 3.83 5.15 -12.47
N GLN A 171 3.56 4.24 -11.53
CA GLN A 171 4.59 3.86 -10.57
C GLN A 171 5.87 3.45 -11.34
N GLN A 172 5.71 2.64 -12.37
CA GLN A 172 6.88 2.14 -13.10
C GLN A 172 7.70 3.23 -13.77
N LEU A 173 7.02 4.23 -14.32
CA LEU A 173 7.69 5.33 -15.02
C LEU A 173 8.37 6.18 -13.97
N ALA A 174 7.77 6.34 -12.81
CA ALA A 174 8.50 6.94 -11.69
C ALA A 174 9.77 6.18 -11.32
N LEU A 175 9.71 4.85 -11.26
CA LEU A 175 10.96 4.05 -10.98
C LEU A 175 12.02 4.29 -12.11
N GLN A 176 11.60 4.40 -13.36
N GLN A 176 11.54 4.44 -13.34
CA GLN A 176 12.58 4.71 -14.40
CA GLN A 176 12.37 4.74 -14.52
C GLN A 176 13.22 6.07 -14.11
C GLN A 176 13.02 6.12 -14.46
N TRP A 177 12.38 7.03 -13.75
CA TRP A 177 12.88 8.39 -13.54
C TRP A 177 13.98 8.35 -12.49
N VAL A 178 13.79 7.53 -11.46
CA VAL A 178 14.83 7.37 -10.45
C VAL A 178 16.04 6.71 -11.11
N GLN A 179 15.85 5.70 -11.95
CA GLN A 179 17.02 5.10 -12.60
C GLN A 179 17.80 6.17 -13.38
N LYS A 180 17.11 6.89 -14.25
CA LYS A 180 17.76 7.92 -15.06
C LYS A 180 18.30 9.15 -14.30
N ASN A 181 17.66 9.54 -13.18
CA ASN A 181 17.95 10.84 -12.60
C ASN A 181 18.52 10.86 -11.21
N ILE A 182 18.40 9.77 -10.47
CA ILE A 182 18.75 9.92 -9.06
C ILE A 182 20.26 10.10 -8.75
N ALA A 183 21.15 9.66 -9.64
CA ALA A 183 22.59 9.90 -9.40
C ALA A 183 22.87 11.39 -9.29
N ALA A 184 22.18 12.19 -10.11
CA ALA A 184 22.27 13.67 -10.03
C ALA A 184 21.99 14.30 -8.66
N PHE A 185 21.06 13.71 -7.90
CA PHE A 185 20.76 14.11 -6.51
C PHE A 185 21.69 13.44 -5.49
N GLY A 186 22.61 12.62 -5.96
CA GLY A 186 23.51 11.88 -5.05
C GLY A 186 23.09 10.46 -4.71
N GLY A 187 22.25 9.86 -5.56
CA GLY A 187 21.67 8.57 -5.24
C GLY A 187 22.27 7.45 -6.03
N ASN A 188 22.24 6.24 -5.48
CA ASN A 188 22.68 5.07 -6.20
C ASN A 188 21.53 4.31 -6.84
N PRO A 189 21.36 4.46 -8.16
CA PRO A 189 20.28 3.73 -8.82
C PRO A 189 20.41 2.18 -8.73
N LYS A 190 21.60 1.68 -8.37
CA LYS A 190 21.86 0.26 -8.19
C LYS A 190 21.47 -0.20 -6.77
N SER A 191 21.14 0.72 -5.89
CA SER A 191 20.64 0.34 -4.56
C SER A 191 19.31 1.05 -4.36
N VAL A 192 18.22 0.48 -4.89
CA VAL A 192 16.91 1.02 -4.76
C VAL A 192 15.98 0.02 -4.10
N THR A 193 15.36 0.40 -2.99
CA THR A 193 14.39 -0.48 -2.36
C THR A 193 12.98 0.05 -2.46
N LEU A 194 12.02 -0.74 -2.95
CA LEU A 194 10.64 -0.23 -2.95
C LEU A 194 10.03 -0.60 -1.62
N PHE A 195 9.17 0.28 -1.06
CA PHE A 195 8.39 -0.03 0.14
C PHE A 195 7.03 0.55 -0.01
N GLY A 196 6.01 -0.10 0.59
CA GLY A 196 4.66 0.32 0.33
C GLY A 196 3.79 -0.32 1.36
N GLU A 197 2.61 0.24 1.60
CA GLU A 197 1.69 -0.35 2.57
C GLU A 197 0.33 -0.66 1.95
N SER A 198 -0.27 -1.78 2.38
CA SER A 198 -1.57 -2.19 1.83
C SER A 198 -1.54 -2.24 0.29
N ALA A 199 -2.39 -1.50 -0.40
CA ALA A 199 -2.35 -1.53 -1.86
C ALA A 199 -0.98 -1.09 -2.38
N GLY A 200 -0.28 -0.26 -1.59
CA GLY A 200 1.06 0.12 -2.02
C GLY A 200 1.98 -1.14 -1.95
N ALA A 201 1.72 -1.99 -0.99
CA ALA A 201 2.53 -3.24 -0.85
C ALA A 201 2.20 -4.21 -1.92
N ALA A 202 0.89 -4.38 -2.15
CA ALA A 202 0.45 -5.21 -3.24
C ALA A 202 1.15 -4.73 -4.53
N SER A 203 1.28 -3.42 -4.69
CA SER A 203 1.90 -2.88 -5.90
C SER A 203 3.36 -3.33 -5.88
N VAL A 204 4.05 -3.17 -4.75
CA VAL A 204 5.45 -3.63 -4.67
C VAL A 204 5.52 -5.11 -5.09
N SER A 205 4.57 -5.92 -4.66
CA SER A 205 4.69 -7.36 -4.93
C SER A 205 4.51 -7.66 -6.43
N LEU A 206 3.80 -6.78 -7.13
CA LEU A 206 3.56 -6.96 -8.59
C LEU A 206 4.71 -6.42 -9.39
N HIS A 207 5.41 -5.42 -8.85
CA HIS A 207 6.63 -5.01 -9.52
C HIS A 207 7.68 -6.15 -9.42
N LEU A 208 7.64 -6.95 -8.34
CA LEU A 208 8.46 -8.18 -8.27
C LEU A 208 8.12 -9.18 -9.39
N LEU A 209 6.88 -9.23 -9.83
CA LEU A 209 6.50 -10.13 -10.89
C LEU A 209 6.58 -9.54 -12.29
N SER A 210 6.80 -8.26 -12.40
CA SER A 210 6.70 -7.61 -13.69
C SER A 210 8.03 -7.54 -14.42
N PRO A 211 8.12 -8.23 -15.55
CA PRO A 211 9.38 -8.15 -16.26
C PRO A 211 9.84 -6.69 -16.52
N GLY A 212 8.96 -5.73 -16.77
CA GLY A 212 9.42 -4.37 -17.06
C GLY A 212 9.93 -3.58 -15.87
N SER A 213 9.63 -4.03 -14.66
CA SER A 213 10.16 -3.45 -13.42
C SER A 213 11.45 -4.14 -12.93
N HIS A 214 11.81 -5.28 -13.51
CA HIS A 214 12.87 -6.12 -12.96
C HIS A 214 14.13 -5.31 -12.70
N SER A 215 14.48 -4.43 -13.63
CA SER A 215 15.78 -3.78 -13.54
C SER A 215 15.66 -2.37 -13.00
N LEU A 216 14.48 -1.99 -12.48
CA LEU A 216 14.25 -0.64 -11.93
C LEU A 216 14.39 -0.63 -10.41
N PHE A 217 14.80 -1.75 -9.81
CA PHE A 217 14.98 -1.73 -8.34
C PHE A 217 15.72 -2.94 -7.81
N THR A 218 16.20 -2.85 -6.57
CA THR A 218 17.02 -3.92 -5.98
C THR A 218 16.23 -4.86 -5.02
N ARG A 219 15.58 -4.27 -4.01
CA ARG A 219 14.91 -5.07 -2.95
C ARG A 219 13.48 -4.53 -2.74
N ALA A 220 12.68 -5.26 -1.94
CA ALA A 220 11.30 -4.92 -1.73
C ALA A 220 10.86 -5.11 -0.27
N ILE A 221 10.06 -4.16 0.20
CA ILE A 221 9.39 -4.19 1.56
C ILE A 221 7.87 -4.17 1.40
N LEU A 222 7.19 -5.18 1.95
CA LEU A 222 5.75 -5.20 1.89
C LEU A 222 5.05 -5.11 3.24
N GLN A 223 4.51 -3.92 3.55
CA GLN A 223 3.76 -3.70 4.79
C GLN A 223 2.25 -3.89 4.61
N SER A 224 1.71 -4.88 5.32
CA SER A 224 0.27 -5.16 5.23
C SER A 224 -0.29 -5.26 3.81
N GLY A 225 0.30 -6.10 2.96
CA GLY A 225 -0.32 -6.32 1.65
C GLY A 225 0.53 -7.15 0.72
N SER A 226 -0.11 -7.86 -0.21
CA SER A 226 0.63 -8.60 -1.24
C SER A 226 -0.40 -8.90 -2.29
N PHE A 227 0.01 -9.04 -3.55
CA PHE A 227 -0.97 -9.21 -4.63
C PHE A 227 -1.96 -10.39 -4.45
N ASN A 228 -1.62 -11.40 -3.65
CA ASN A 228 -2.49 -12.57 -3.51
C ASN A 228 -3.58 -12.30 -2.49
N ALA A 229 -3.66 -11.07 -1.99
CA ALA A 229 -4.74 -10.79 -1.03
C ALA A 229 -6.05 -10.79 -1.83
N PRO A 230 -7.17 -11.13 -1.20
CA PRO A 230 -8.35 -11.31 -2.06
C PRO A 230 -8.87 -10.02 -2.71
N TRP A 231 -8.51 -8.85 -2.17
CA TRP A 231 -8.94 -7.57 -2.77
C TRP A 231 -7.98 -7.01 -3.85
N ALA A 232 -6.87 -7.68 -4.14
CA ALA A 232 -5.79 -6.94 -4.87
C ALA A 232 -5.70 -7.13 -6.37
N VAL A 233 -6.39 -8.13 -6.90
CA VAL A 233 -6.37 -8.28 -8.37
C VAL A 233 -7.79 -8.49 -8.90
N THR A 234 -8.18 -7.71 -9.88
CA THR A 234 -9.51 -7.87 -10.52
C THR A 234 -9.42 -8.90 -11.66
N SER A 235 -10.34 -9.86 -11.72
CA SER A 235 -10.36 -10.79 -12.88
C SER A 235 -10.76 -10.06 -14.15
N LEU A 236 -10.42 -10.60 -15.31
CA LEU A 236 -10.88 -10.05 -16.59
C LEU A 236 -12.41 -10.01 -16.70
N TYR A 237 -13.06 -11.06 -16.22
CA TYR A 237 -14.50 -11.05 -16.16
C TYR A 237 -14.97 -9.80 -15.43
N GLU A 238 -14.69 -9.71 -14.12
CA GLU A 238 -15.11 -8.55 -13.34
C GLU A 238 -14.76 -7.21 -13.97
N ALA A 239 -13.55 -7.06 -14.47
CA ALA A 239 -13.14 -5.78 -15.04
C ALA A 239 -14.04 -5.37 -16.20
N ARG A 240 -14.23 -6.28 -17.17
CA ARG A 240 -15.18 -6.07 -18.28
C ARG A 240 -16.55 -5.65 -17.77
N ASN A 241 -17.12 -6.42 -16.84
CA ASN A 241 -18.44 -6.12 -16.32
C ASN A 241 -18.46 -4.71 -15.75
N ARG A 242 -17.32 -4.32 -15.17
CA ARG A 242 -17.29 -3.07 -14.43
C ARG A 242 -17.10 -1.88 -15.35
N THR A 243 -16.23 -2.03 -16.33
CA THR A 243 -16.07 -1.02 -17.35
C THR A 243 -17.41 -0.71 -18.04
N LEU A 244 -18.15 -1.76 -18.41
CA LEU A 244 -19.47 -1.64 -19.05
C LEU A 244 -20.52 -1.07 -18.13
N ASN A 245 -20.55 -1.55 -16.89
CA ASN A 245 -21.40 -0.91 -15.89
C ASN A 245 -21.11 0.59 -15.72
N LEU A 246 -19.85 0.97 -15.62
CA LEU A 246 -19.52 2.39 -15.57
C LEU A 246 -20.08 3.10 -16.82
N ALA A 247 -19.93 2.48 -17.99
CA ALA A 247 -20.33 3.08 -19.25
C ALA A 247 -21.81 3.31 -19.18
N LYS A 248 -22.53 2.23 -18.99
CA LYS A 248 -23.95 2.32 -18.78
C LYS A 248 -24.35 3.46 -17.85
N LEU A 249 -23.69 3.57 -16.70
CA LEU A 249 -24.10 4.56 -15.68
C LEU A 249 -23.80 5.98 -16.09
N THR A 250 -22.97 6.16 -17.09
CA THR A 250 -22.61 7.50 -17.49
C THR A 250 -23.19 7.74 -18.88
N GLY A 251 -24.23 6.97 -19.20
CA GLY A 251 -24.75 7.02 -20.54
C GLY A 251 -23.69 6.87 -21.62
N CYS A 252 -22.67 6.07 -21.37
CA CYS A 252 -21.63 5.93 -22.38
C CYS A 252 -21.67 4.59 -23.06
N SER A 253 -22.68 3.78 -22.77
CA SER A 253 -22.79 2.51 -23.47
C SER A 253 -22.76 2.75 -24.98
N ARG A 254 -22.05 1.88 -25.69
CA ARG A 254 -21.89 1.91 -27.15
C ARG A 254 -21.89 0.47 -27.59
N GLU A 255 -21.79 0.25 -28.90
CA GLU A 255 -21.64 -1.09 -29.41
C GLU A 255 -20.17 -1.29 -29.67
N ASN A 256 -19.49 -0.22 -30.08
CA ASN A 256 -18.06 -0.23 -30.35
C ASN A 256 -17.32 0.19 -29.08
N GLU A 257 -16.40 -0.65 -28.63
CA GLU A 257 -15.72 -0.46 -27.34
C GLU A 257 -14.84 0.76 -27.33
N THR A 258 -14.22 1.08 -28.45
CA THR A 258 -13.36 2.25 -28.51
C THR A 258 -14.22 3.50 -28.37
N GLU A 259 -15.51 3.34 -28.64
CA GLU A 259 -16.47 4.43 -28.56
C GLU A 259 -16.89 4.60 -27.12
N ILE A 260 -16.97 3.51 -26.40
CA ILE A 260 -17.19 3.60 -24.97
C ILE A 260 -16.10 4.48 -24.35
N ILE A 261 -14.85 4.17 -24.65
CA ILE A 261 -13.73 4.88 -24.04
C ILE A 261 -13.74 6.34 -24.46
N LYS A 262 -14.04 6.58 -25.72
CA LYS A 262 -14.06 7.93 -26.26
C LYS A 262 -15.14 8.72 -25.51
N CYS A 263 -16.31 8.10 -25.35
CA CYS A 263 -17.37 8.72 -24.58
C CYS A 263 -16.92 9.06 -23.16
N LEU A 264 -16.33 8.08 -22.47
CA LEU A 264 -15.82 8.27 -21.09
C LEU A 264 -14.73 9.34 -21.02
N ARG A 265 -13.97 9.50 -22.09
CA ARG A 265 -13.00 10.55 -22.09
C ARG A 265 -13.63 11.93 -22.13
N ASN A 266 -14.93 12.00 -22.42
CA ASN A 266 -15.63 13.28 -22.45
C ASN A 266 -16.29 13.59 -21.16
N LYS A 267 -16.56 12.58 -20.33
CA LYS A 267 -17.11 12.82 -18.99
C LYS A 267 -16.19 13.63 -18.11
N ASP A 268 -16.78 14.32 -17.14
CA ASP A 268 -16.01 15.08 -16.17
C ASP A 268 -15.46 14.15 -15.11
N PRO A 269 -14.23 14.41 -14.66
CA PRO A 269 -13.68 13.65 -13.57
C PRO A 269 -14.77 13.27 -12.59
N GLN A 270 -15.63 14.22 -12.22
CA GLN A 270 -16.63 13.98 -11.16
C GLN A 270 -17.69 12.98 -11.46
N GLU A 271 -18.13 12.87 -12.71
CA GLU A 271 -19.20 11.91 -13.03
C GLU A 271 -18.65 10.48 -12.98
N ILE A 272 -17.39 10.35 -13.35
CA ILE A 272 -16.69 9.08 -13.25
C ILE A 272 -16.56 8.72 -11.77
N LEU A 273 -16.03 9.61 -10.95
CA LEU A 273 -15.87 9.32 -9.53
C LEU A 273 -17.17 8.91 -8.89
N LEU A 274 -18.25 9.61 -9.25
CA LEU A 274 -19.54 9.40 -8.61
C LEU A 274 -20.14 8.06 -8.92
N ASN A 275 -19.83 7.51 -10.08
CA ASN A 275 -20.39 6.21 -10.42
C ASN A 275 -19.53 4.97 -10.12
N GLU A 276 -18.28 5.20 -9.72
CA GLU A 276 -17.34 4.12 -9.37
C GLU A 276 -17.94 3.17 -8.36
N ALA A 277 -18.49 3.70 -7.27
CA ALA A 277 -19.02 2.89 -6.17
C ALA A 277 -20.09 1.90 -6.62
N PHE A 278 -20.77 2.20 -7.70
CA PHE A 278 -21.92 1.38 -8.13
C PHE A 278 -21.62 0.39 -9.26
N VAL A 279 -20.42 0.42 -9.82
CA VAL A 279 -20.13 -0.50 -10.91
C VAL A 279 -20.29 -1.96 -10.46
N VAL A 280 -20.64 -2.16 -9.20
CA VAL A 280 -20.66 -3.48 -8.59
C VAL A 280 -22.00 -3.65 -7.80
N PRO A 281 -22.67 -4.81 -7.93
CA PRO A 281 -23.98 -5.01 -7.32
C PRO A 281 -23.94 -4.89 -5.80
N TYR A 282 -22.96 -5.52 -5.15
CA TYR A 282 -22.78 -5.29 -3.72
C TYR A 282 -21.29 -5.11 -3.45
N GLY A 283 -20.96 -4.15 -2.61
CA GLY A 283 -19.56 -3.93 -2.28
C GLY A 283 -19.33 -4.27 -0.82
N THR A 284 -18.09 -4.18 -0.39
CA THR A 284 -17.82 -4.31 1.02
C THR A 284 -16.96 -3.10 1.37
N PRO A 285 -16.67 -2.90 2.68
CA PRO A 285 -15.76 -1.86 3.12
C PRO A 285 -14.36 -2.08 2.58
N LEU A 286 -14.14 -3.21 1.90
CA LEU A 286 -12.83 -3.56 1.40
C LEU A 286 -12.87 -3.67 -0.10
N SER A 287 -13.95 -3.21 -0.71
CA SER A 287 -14.09 -3.24 -2.17
C SER A 287 -12.99 -2.49 -2.91
N VAL A 288 -12.52 -3.09 -3.99
CA VAL A 288 -11.51 -2.51 -4.85
C VAL A 288 -12.13 -2.60 -6.23
N ASN A 289 -12.90 -1.59 -6.61
CA ASN A 289 -13.69 -1.72 -7.83
C ASN A 289 -12.83 -1.64 -9.04
N PHE A 290 -11.79 -0.83 -9.01
CA PHE A 290 -10.91 -0.73 -10.15
C PHE A 290 -9.49 -1.00 -9.68
N GLY A 291 -8.96 -2.20 -9.97
CA GLY A 291 -7.65 -2.64 -9.49
C GLY A 291 -6.79 -3.22 -10.57
N PRO A 292 -5.61 -3.75 -10.18
CA PRO A 292 -4.72 -4.43 -11.12
C PRO A 292 -5.42 -5.54 -11.89
N THR A 293 -5.05 -5.73 -13.14
CA THR A 293 -5.64 -6.84 -13.90
C THR A 293 -4.51 -7.47 -14.66
N VAL A 294 -4.78 -8.64 -15.19
CA VAL A 294 -3.78 -9.33 -15.97
C VAL A 294 -3.97 -8.75 -17.36
N ASP A 295 -3.07 -7.87 -17.77
CA ASP A 295 -3.27 -7.10 -18.95
C ASP A 295 -2.40 -7.62 -20.12
N GLY A 296 -1.58 -8.65 -19.90
CA GLY A 296 -0.64 -9.10 -20.91
C GLY A 296 0.52 -8.15 -21.13
N ASP A 297 0.70 -7.18 -20.23
CA ASP A 297 1.73 -6.19 -20.48
C ASP A 297 2.49 -6.03 -19.18
N PHE A 298 1.93 -5.28 -18.23
CA PHE A 298 2.53 -5.19 -16.91
C PHE A 298 2.56 -6.59 -16.26
N LEU A 299 1.43 -7.29 -16.38
CA LEU A 299 1.21 -8.57 -15.75
C LEU A 299 0.96 -9.55 -16.87
N THR A 300 1.91 -10.46 -17.09
CA THR A 300 1.76 -11.41 -18.16
C THR A 300 0.92 -12.65 -17.87
N ASP A 301 0.56 -12.98 -16.63
CA ASP A 301 -0.21 -14.21 -16.46
C ASP A 301 -0.85 -14.07 -15.10
N MET A 302 -1.81 -14.90 -14.74
CA MET A 302 -2.42 -14.72 -13.45
C MET A 302 -1.32 -14.78 -12.42
N PRO A 303 -1.25 -13.77 -11.53
CA PRO A 303 0.00 -13.72 -10.74
C PRO A 303 0.12 -14.88 -9.75
N ASP A 304 -0.96 -15.56 -9.43
CA ASP A 304 -0.81 -16.71 -8.57
C ASP A 304 0.04 -17.80 -9.25
N ILE A 305 -0.07 -17.88 -10.57
CA ILE A 305 0.69 -18.90 -11.31
C ILE A 305 2.16 -18.52 -11.34
N LEU A 306 2.47 -17.25 -11.68
CA LEU A 306 3.83 -16.72 -11.61
C LEU A 306 4.50 -16.99 -10.23
N LEU A 307 3.79 -16.73 -9.14
CA LEU A 307 4.39 -16.93 -7.81
C LEU A 307 4.67 -18.46 -7.56
N GLU A 308 3.66 -19.27 -7.82
CA GLU A 308 3.78 -20.73 -7.56
C GLU A 308 4.95 -21.27 -8.32
N LEU A 309 5.21 -20.76 -9.51
CA LEU A 309 6.16 -21.41 -10.43
C LEU A 309 7.41 -20.63 -10.51
N GLY A 310 7.57 -19.72 -9.57
CA GLY A 310 8.85 -19.09 -9.31
C GLY A 310 9.27 -18.06 -10.35
N GLN A 311 8.30 -17.44 -11.04
CA GLN A 311 8.67 -16.44 -12.07
C GLN A 311 8.56 -15.04 -11.50
N PHE A 312 9.62 -14.55 -10.89
CA PHE A 312 9.62 -13.26 -10.28
C PHE A 312 11.06 -12.84 -10.00
N LYS A 313 11.27 -11.56 -9.75
CA LYS A 313 12.58 -11.06 -9.44
C LYS A 313 13.17 -11.75 -8.19
N LYS A 314 14.38 -12.29 -8.35
CA LYS A 314 15.05 -13.06 -7.31
C LYS A 314 15.86 -12.08 -6.44
N THR A 315 15.37 -11.77 -5.23
CA THR A 315 16.00 -10.77 -4.38
C THR A 315 15.46 -10.96 -2.94
N GLN A 316 15.88 -10.13 -2.00
CA GLN A 316 15.42 -10.30 -0.60
C GLN A 316 14.11 -9.55 -0.46
N ILE A 317 13.22 -10.03 0.41
CA ILE A 317 11.99 -9.26 0.71
C ILE A 317 11.84 -9.15 2.24
N LEU A 318 11.19 -8.09 2.68
CA LEU A 318 10.86 -7.86 4.06
C LEU A 318 9.35 -7.71 4.08
N VAL A 319 8.67 -8.53 4.86
CA VAL A 319 7.21 -8.57 4.79
C VAL A 319 6.68 -8.53 6.19
N GLY A 320 5.54 -7.88 6.40
CA GLY A 320 5.01 -7.83 7.77
C GLY A 320 3.53 -7.51 7.83
N VAL A 321 2.94 -7.60 9.03
CA VAL A 321 1.55 -7.29 9.26
C VAL A 321 1.40 -6.80 10.69
N ASN A 322 0.24 -6.17 10.94
CA ASN A 322 -0.07 -5.64 12.25
C ASN A 322 -1.00 -6.57 12.93
N LYS A 323 -0.97 -6.51 14.26
CA LYS A 323 -1.78 -7.43 15.08
C LYS A 323 -3.26 -7.36 14.86
N ASP A 324 -3.81 -6.16 14.71
CA ASP A 324 -5.23 -6.05 14.43
C ASP A 324 -5.62 -5.47 13.06
N GLU A 325 -5.11 -6.04 11.99
CA GLU A 325 -5.44 -5.56 10.65
C GLU A 325 -6.94 -5.30 10.37
N GLY A 326 -7.80 -6.21 10.78
CA GLY A 326 -9.17 -6.15 10.30
C GLY A 326 -10.10 -5.19 11.01
N THR A 327 -9.72 -4.63 12.17
CA THR A 327 -10.63 -3.80 12.97
C THR A 327 -11.10 -2.49 12.33
N ALA A 328 -10.17 -1.77 11.70
CA ALA A 328 -10.42 -0.51 11.01
C ALA A 328 -11.64 -0.64 10.11
N PHE A 329 -11.88 -1.81 9.51
CA PHE A 329 -12.90 -1.87 8.48
C PHE A 329 -14.29 -2.10 9.01
N LEU A 330 -14.35 -2.50 10.26
CA LEU A 330 -15.62 -3.01 10.78
C LEU A 330 -16.57 -1.83 11.02
N VAL A 331 -16.02 -0.64 11.27
CA VAL A 331 -16.88 0.55 11.50
C VAL A 331 -17.38 1.18 10.22
N TYR A 332 -17.03 0.62 9.06
CA TYR A 332 -17.58 1.11 7.80
C TYR A 332 -18.68 0.19 7.29
N GLY A 333 -19.44 -0.41 8.19
CA GLY A 333 -20.64 -1.06 7.74
C GLY A 333 -21.05 -2.32 8.48
N ALA A 334 -20.23 -2.81 9.40
CA ALA A 334 -20.64 -4.00 10.13
C ALA A 334 -21.63 -3.57 11.21
N PRO A 335 -22.72 -4.33 11.41
CA PRO A 335 -23.80 -3.94 12.31
C PRO A 335 -23.40 -4.08 13.77
N GLY A 336 -23.73 -3.09 14.59
CA GLY A 336 -23.32 -3.09 16.00
C GLY A 336 -21.96 -2.51 16.31
N PHE A 337 -21.22 -2.12 15.27
CA PHE A 337 -19.85 -1.64 15.45
C PHE A 337 -19.80 -0.12 15.48
N SER A 338 -19.07 0.46 16.43
CA SER A 338 -18.88 1.92 16.42
C SER A 338 -17.55 2.32 16.97
N LYS A 339 -16.89 3.31 16.35
CA LYS A 339 -15.68 3.85 16.95
C LYS A 339 -16.01 4.52 18.29
N ASP A 340 -17.29 4.80 18.54
CA ASP A 340 -17.76 5.58 19.71
C ASP A 340 -18.34 4.79 20.92
N ASN A 341 -18.18 3.45 20.89
CA ASN A 341 -18.48 2.58 22.05
C ASN A 341 -17.68 1.31 21.85
N ASN A 342 -17.79 0.38 22.79
CA ASN A 342 -16.93 -0.79 22.77
C ASN A 342 -17.41 -1.90 21.82
N SER A 343 -18.53 -1.70 21.14
CA SER A 343 -18.90 -2.53 20.01
C SER A 343 -19.12 -4.01 20.36
N ILE A 344 -19.50 -4.28 21.62
CA ILE A 344 -19.79 -5.65 22.03
C ILE A 344 -20.93 -6.13 21.16
N ILE A 345 -20.71 -6.98 20.17
CA ILE A 345 -21.83 -7.38 19.31
C ILE A 345 -22.30 -8.79 19.65
N THR A 346 -23.46 -9.19 19.11
CA THR A 346 -23.99 -10.53 19.39
C THR A 346 -23.71 -11.54 18.27
N ARG A 347 -23.93 -12.81 18.60
CA ARG A 347 -23.79 -13.84 17.61
C ARG A 347 -24.51 -13.46 16.32
N LYS A 348 -25.75 -12.98 16.45
CA LYS A 348 -26.58 -12.68 15.28
C LYS A 348 -26.00 -11.52 14.45
N GLU A 349 -25.46 -10.53 15.17
CA GLU A 349 -24.69 -9.41 14.59
C GLU A 349 -23.42 -9.91 13.86
N PHE A 350 -22.65 -10.77 14.53
CA PHE A 350 -21.48 -11.41 13.89
C PHE A 350 -21.85 -12.02 12.56
N GLN A 351 -22.95 -12.77 12.55
CA GLN A 351 -23.41 -13.38 11.31
C GLN A 351 -23.82 -12.36 10.26
N GLU A 352 -24.46 -11.27 10.72
CA GLU A 352 -24.79 -10.19 9.78
C GLU A 352 -23.51 -9.57 9.20
N GLY A 353 -22.49 -9.42 10.05
CA GLY A 353 -21.16 -8.90 9.61
C GLY A 353 -20.53 -9.70 8.48
N LEU A 354 -20.68 -11.05 8.54
CA LEU A 354 -20.09 -11.94 7.55
C LEU A 354 -20.78 -11.63 6.24
N LYS A 355 -22.09 -11.39 6.29
CA LYS A 355 -22.78 -10.95 5.07
C LYS A 355 -22.20 -9.66 4.49
N ILE A 356 -21.91 -8.68 5.33
CA ILE A 356 -21.29 -7.43 4.87
C ILE A 356 -19.95 -7.77 4.20
N PHE A 357 -19.13 -8.61 4.85
CA PHE A 357 -17.78 -8.84 4.33
C PHE A 357 -17.65 -9.95 3.31
N PHE A 358 -18.64 -10.84 3.22
CA PHE A 358 -18.56 -11.97 2.29
C PHE A 358 -19.86 -12.11 1.45
N PRO A 359 -20.25 -11.03 0.74
CA PRO A 359 -21.31 -10.82 -0.23
C PRO A 359 -21.87 -12.04 -0.92
N GLY A 360 -21.08 -12.80 -1.63
CA GLY A 360 -21.63 -14.14 -1.85
C GLY A 360 -20.75 -15.11 -2.55
N VAL A 361 -19.99 -15.90 -1.84
CA VAL A 361 -20.23 -16.52 -0.53
C VAL A 361 -21.43 -17.33 -0.14
N SER A 362 -21.43 -18.59 -0.55
CA SER A 362 -22.49 -19.48 -0.16
C SER A 362 -22.77 -19.41 1.35
N GLU A 363 -23.97 -19.78 1.72
CA GLU A 363 -24.28 -19.95 3.11
C GLU A 363 -23.30 -20.89 3.82
N PHE A 364 -22.91 -21.95 3.12
CA PHE A 364 -21.99 -22.94 3.66
C PHE A 364 -20.64 -22.25 3.87
N GLY A 365 -20.13 -21.56 2.85
CA GLY A 365 -18.95 -20.69 3.02
C GLY A 365 -18.99 -19.88 4.32
N LYS A 366 -20.07 -19.14 4.53
CA LYS A 366 -20.15 -18.29 5.71
C LYS A 366 -20.27 -19.10 7.01
N GLU A 367 -20.97 -20.25 7.02
CA GLU A 367 -21.05 -21.09 8.26
C GLU A 367 -19.65 -21.60 8.65
N SER A 368 -18.88 -21.86 7.62
CA SER A 368 -17.56 -22.42 7.82
C SER A 368 -16.63 -21.43 8.51
N ILE A 369 -16.74 -20.14 8.14
CA ILE A 369 -16.04 -19.10 8.88
C ILE A 369 -16.53 -19.10 10.31
N LEU A 370 -17.84 -19.03 10.47
CA LEU A 370 -18.36 -19.05 11.78
C LEU A 370 -17.87 -20.25 12.57
N PHE A 371 -17.98 -21.47 12.01
CA PHE A 371 -17.45 -22.66 12.70
CA PHE A 371 -17.47 -22.67 12.73
C PHE A 371 -16.00 -22.46 13.12
N HIS A 372 -15.18 -22.01 12.20
CA HIS A 372 -13.75 -21.86 12.52
CA HIS A 372 -13.77 -21.91 12.55
C HIS A 372 -13.44 -20.78 13.56
N TYR A 373 -14.21 -19.69 13.58
CA TYR A 373 -13.82 -18.62 14.47
C TYR A 373 -14.60 -18.51 15.77
N THR A 374 -15.55 -19.40 16.05
CA THR A 374 -16.40 -19.19 17.23
C THR A 374 -16.49 -20.34 18.18
N ASP A 375 -15.50 -21.23 18.11
CA ASP A 375 -15.31 -22.15 19.18
C ASP A 375 -14.53 -21.51 20.36
N TRP A 376 -15.24 -20.81 21.24
CA TRP A 376 -14.61 -20.11 22.35
C TRP A 376 -14.02 -20.99 23.42
N VAL A 377 -13.05 -20.40 24.09
CA VAL A 377 -12.37 -20.95 25.24
C VAL A 377 -12.23 -19.88 26.35
N ASP A 378 -13.34 -19.41 26.94
CA ASP A 378 -14.69 -19.92 26.65
C ASP A 378 -15.89 -18.91 26.55
N ASP A 379 -17.05 -19.50 26.28
CA ASP A 379 -18.25 -18.78 25.80
C ASP A 379 -18.65 -17.68 26.76
N GLN A 380 -17.77 -17.39 27.73
CA GLN A 380 -18.05 -16.43 28.81
C GLN A 380 -17.94 -14.94 28.40
N ARG A 381 -16.69 -14.53 28.20
CA ARG A 381 -16.25 -13.30 27.51
C ARG A 381 -17.24 -12.64 26.54
N PRO A 382 -17.74 -11.45 26.90
CA PRO A 382 -18.64 -10.71 26.00
C PRO A 382 -18.02 -10.10 24.71
N GLU A 383 -16.71 -9.87 24.68
CA GLU A 383 -16.08 -9.29 23.46
C GLU A 383 -15.70 -10.36 22.44
N ASN A 384 -16.20 -11.57 22.70
CA ASN A 384 -15.91 -12.76 21.90
C ASN A 384 -16.21 -12.56 20.42
N TYR A 385 -17.46 -12.23 20.13
CA TYR A 385 -17.84 -12.07 18.76
C TYR A 385 -17.21 -10.83 18.09
N ARG A 386 -17.09 -9.72 18.83
CA ARG A 386 -16.43 -8.49 18.34
C ARG A 386 -14.96 -8.79 17.93
N GLU A 387 -14.21 -9.48 18.77
CA GLU A 387 -12.84 -9.88 18.41
C GLU A 387 -12.78 -10.81 17.23
N ALA A 388 -13.76 -11.72 17.16
CA ALA A 388 -13.73 -12.74 16.12
C ALA A 388 -13.93 -12.10 14.77
N LEU A 389 -14.84 -11.14 14.65
CA LEU A 389 -15.08 -10.52 13.34
C LEU A 389 -13.85 -9.75 12.84
N GLY A 390 -13.16 -9.10 13.75
CA GLY A 390 -11.96 -8.42 13.35
C GLY A 390 -10.87 -9.36 12.88
N ASP A 391 -10.70 -10.47 13.59
CA ASP A 391 -9.70 -11.44 13.16
C ASP A 391 -10.07 -12.07 11.83
N VAL A 392 -11.34 -12.42 11.65
CA VAL A 392 -11.78 -12.94 10.34
C VAL A 392 -11.32 -12.00 9.23
N VAL A 393 -11.67 -10.72 9.37
CA VAL A 393 -11.40 -9.74 8.33
C VAL A 393 -9.88 -9.53 8.16
N GLY A 394 -9.16 -9.46 9.25
CA GLY A 394 -7.71 -9.27 9.10
C GLY A 394 -6.99 -10.50 8.55
N ASP A 395 -7.34 -11.69 9.06
CA ASP A 395 -6.63 -12.92 8.61
C ASP A 395 -6.87 -13.19 7.12
N TYR A 396 -8.10 -13.08 6.71
CA TYR A 396 -8.47 -13.29 5.29
C TYR A 396 -7.86 -12.26 4.38
N ASN A 397 -8.01 -10.99 4.75
CA ASN A 397 -7.62 -9.93 3.83
C ASN A 397 -6.15 -9.58 3.82
N PHE A 398 -5.48 -9.72 4.94
CA PHE A 398 -4.10 -9.27 5.02
C PHE A 398 -3.06 -10.33 5.48
N ILE A 399 -3.33 -10.90 6.66
CA ILE A 399 -2.29 -11.68 7.33
C ILE A 399 -1.96 -12.99 6.63
N CYS A 400 -2.94 -13.86 6.40
CA CYS A 400 -2.64 -15.11 5.73
C CYS A 400 -2.14 -14.87 4.29
N PRO A 401 -2.71 -13.92 3.53
CA PRO A 401 -2.14 -13.77 2.20
C PRO A 401 -0.65 -13.29 2.28
N ALA A 402 -0.30 -12.43 3.25
CA ALA A 402 1.12 -12.01 3.41
C ALA A 402 1.98 -13.24 3.80
N LEU A 403 1.50 -14.05 4.74
CA LEU A 403 2.29 -15.23 5.09
C LEU A 403 2.45 -16.16 3.90
N GLU A 404 1.40 -16.35 3.13
CA GLU A 404 1.49 -17.33 2.06
C GLU A 404 2.42 -16.79 0.94
N PHE A 405 2.38 -15.47 0.70
CA PHE A 405 3.31 -14.85 -0.28
C PHE A 405 4.73 -15.12 0.18
N THR A 406 5.00 -14.95 1.47
CA THR A 406 6.37 -14.97 1.95
C THR A 406 6.87 -16.42 1.82
N LYS A 407 6.00 -17.35 2.19
CA LYS A 407 6.29 -18.77 2.11
C LYS A 407 6.66 -19.13 0.68
N LYS A 408 5.80 -18.78 -0.29
CA LYS A 408 6.04 -19.15 -1.66
C LYS A 408 7.25 -18.45 -2.31
N PHE A 409 7.47 -17.19 -1.94
CA PHE A 409 8.61 -16.46 -2.47
C PHE A 409 9.92 -17.08 -1.95
N SER A 410 9.94 -17.40 -0.66
CA SER A 410 11.17 -17.87 -0.06
C SER A 410 11.57 -19.27 -0.55
N GLU A 411 10.59 -20.06 -1.00
CA GLU A 411 10.86 -21.43 -1.49
C GLU A 411 11.75 -21.44 -2.71
N TRP A 412 11.96 -20.29 -3.34
CA TRP A 412 12.80 -20.27 -4.51
C TRP A 412 14.14 -19.78 -4.12
N GLY A 413 14.45 -19.73 -2.84
CA GLY A 413 15.84 -19.56 -2.52
C GLY A 413 16.28 -18.20 -2.04
N ASN A 414 15.36 -17.26 -1.88
CA ASN A 414 15.76 -15.94 -1.42
C ASN A 414 15.48 -15.76 0.03
N ASN A 415 16.35 -15.02 0.68
CA ASN A 415 16.11 -14.54 2.03
C ASN A 415 14.85 -13.65 2.13
N ALA A 416 14.00 -13.95 3.12
CA ALA A 416 12.80 -13.18 3.35
C ALA A 416 12.79 -13.01 4.85
N PHE A 417 12.30 -11.87 5.31
CA PHE A 417 12.18 -11.55 6.75
C PHE A 417 10.75 -11.18 7.07
N PHE A 418 10.17 -11.69 8.15
CA PHE A 418 8.75 -11.42 8.39
C PHE A 418 8.53 -10.79 9.74
N TYR A 419 7.73 -9.70 9.79
CA TYR A 419 7.50 -9.09 11.13
C TYR A 419 6.04 -9.09 11.51
N TYR A 420 5.81 -9.07 12.82
CA TYR A 420 4.46 -8.96 13.31
C TYR A 420 4.45 -7.75 14.23
N PHE A 421 3.76 -6.69 13.79
CA PHE A 421 3.85 -5.41 14.49
C PHE A 421 2.75 -5.32 15.53
N GLU A 422 3.14 -5.16 16.78
CA GLU A 422 2.12 -5.26 17.79
C GLU A 422 2.08 -4.10 18.73
N HIS A 423 2.52 -2.90 18.28
CA HIS A 423 2.43 -1.74 19.16
C HIS A 423 1.29 -0.82 18.77
N ARG A 424 0.38 -0.55 19.72
CA ARG A 424 -0.64 0.50 19.59
C ARG A 424 -0.12 1.92 19.95
N SER A 425 -0.12 2.81 18.97
CA SER A 425 0.39 4.17 19.14
C SER A 425 -0.26 4.88 20.35
N SER A 426 0.53 5.57 21.15
CA SER A 426 -0.03 6.24 22.34
C SER A 426 -1.01 7.32 21.93
N LYS A 427 -0.92 7.78 20.68
CA LYS A 427 -1.79 8.82 20.20
C LYS A 427 -2.93 8.32 19.30
N LEU A 428 -3.13 7.01 19.17
CA LEU A 428 -4.16 6.57 18.23
C LEU A 428 -5.48 7.27 18.59
N PRO A 429 -6.15 7.94 17.61
CA PRO A 429 -7.49 8.56 17.85
C PRO A 429 -8.65 7.57 17.84
N TRP A 430 -8.40 6.37 17.35
CA TRP A 430 -9.43 5.35 17.29
C TRP A 430 -9.58 4.69 18.67
N PRO A 431 -10.71 4.06 18.95
CA PRO A 431 -10.84 3.55 20.34
C PRO A 431 -9.99 2.32 20.63
N GLU A 432 -9.89 1.94 21.92
CA GLU A 432 -9.02 0.87 22.39
C GLU A 432 -9.37 -0.49 21.78
N TRP A 433 -10.65 -0.80 21.69
CA TRP A 433 -11.03 -2.12 21.21
C TRP A 433 -10.47 -2.38 19.81
N MET A 434 -10.10 -1.33 19.06
CA MET A 434 -9.61 -1.55 17.68
C MET A 434 -8.16 -1.95 17.66
N GLY A 435 -7.49 -1.82 18.80
CA GLY A 435 -6.15 -2.37 18.98
C GLY A 435 -5.06 -1.81 18.09
N VAL A 436 -4.15 -2.66 17.58
CA VAL A 436 -3.05 -2.24 16.68
C VAL A 436 -3.50 -2.29 15.21
N MET A 437 -4.00 -1.15 14.74
CA MET A 437 -4.75 -1.11 13.54
C MET A 437 -3.95 -1.17 12.25
N HIS A 438 -4.63 -1.54 11.17
CA HIS A 438 -4.07 -1.37 9.83
C HIS A 438 -3.67 0.10 9.63
N GLY A 439 -2.44 0.33 9.17
CA GLY A 439 -1.96 1.64 8.69
C GLY A 439 -1.09 2.32 9.73
N TYR A 440 -1.09 1.78 10.94
CA TYR A 440 -0.51 2.51 12.04
C TYR A 440 0.87 2.06 12.45
N GLU A 441 1.52 1.31 11.60
CA GLU A 441 2.98 1.07 11.74
C GLU A 441 3.70 2.15 10.92
N ILE A 442 2.96 2.74 10.00
CA ILE A 442 3.59 3.59 8.98
C ILE A 442 4.33 4.72 9.61
N GLU A 443 3.67 5.43 10.53
CA GLU A 443 4.32 6.57 11.19
C GLU A 443 5.58 6.12 11.93
N PHE A 444 5.63 4.84 12.34
CA PHE A 444 6.87 4.36 12.96
C PHE A 444 8.00 4.14 11.97
N VAL A 445 7.66 3.60 10.82
CA VAL A 445 8.65 3.36 9.77
C VAL A 445 9.25 4.69 9.27
N PHE A 446 8.40 5.75 9.16
CA PHE A 446 8.84 7.08 8.65
C PHE A 446 9.52 7.97 9.71
N GLY A 447 9.45 7.53 10.96
CA GLY A 447 10.26 8.19 11.97
C GLY A 447 9.53 9.30 12.71
N LEU A 448 8.21 9.37 12.60
CA LEU A 448 7.60 10.51 13.21
C LEU A 448 7.84 10.59 14.73
N PRO A 449 7.88 9.43 15.40
CA PRO A 449 8.14 9.43 16.84
C PRO A 449 9.53 9.84 17.22
N LEU A 450 10.41 10.06 16.25
CA LEU A 450 11.76 10.51 16.55
C LEU A 450 11.71 11.99 16.94
N GLU A 451 10.61 12.64 16.58
CA GLU A 451 10.45 14.04 16.86
C GLU A 451 9.81 14.17 18.24
N ARG A 452 10.64 14.48 19.22
CA ARG A 452 10.19 14.69 20.61
C ARG A 452 9.08 15.76 20.78
N ARG A 453 9.17 16.84 20.02
CA ARG A 453 8.17 17.89 20.14
C ARG A 453 6.74 17.32 19.96
N ASP A 454 6.65 16.04 19.59
CA ASP A 454 5.40 15.44 19.14
C ASP A 454 4.54 14.62 20.11
N GLN A 455 4.94 14.50 21.37
CA GLN A 455 4.05 13.83 22.31
C GLN A 455 3.90 12.29 22.12
N TYR A 456 4.82 11.64 21.42
CA TYR A 456 4.94 10.17 21.52
C TYR A 456 5.76 9.86 22.78
N THR A 457 5.59 8.67 23.37
CA THR A 457 6.37 8.31 24.56
C THR A 457 7.82 8.04 24.21
N LYS A 458 8.64 7.90 25.24
CA LYS A 458 10.06 7.59 25.04
C LYS A 458 10.25 6.16 24.48
N ALA A 459 9.40 5.23 24.93
CA ALA A 459 9.50 3.88 24.47
C ALA A 459 9.18 3.89 22.99
N GLU A 460 8.34 4.83 22.53
CA GLU A 460 7.99 4.87 21.10
C GLU A 460 9.08 5.49 20.21
N GLU A 461 9.69 6.57 20.67
CA GLU A 461 10.92 7.00 20.04
C GLU A 461 11.92 5.86 19.85
N ILE A 462 12.18 5.11 20.92
CA ILE A 462 13.17 4.07 20.79
C ILE A 462 12.73 2.98 19.78
N LEU A 463 11.45 2.60 19.82
CA LEU A 463 10.92 1.57 18.89
C LEU A 463 11.08 2.05 17.42
N SER A 464 10.67 3.29 17.16
CA SER A 464 10.77 3.85 15.86
C SER A 464 12.24 3.91 15.42
N ARG A 465 13.11 4.35 16.30
CA ARG A 465 14.52 4.49 15.93
C ARG A 465 15.04 3.12 15.46
N SER A 466 14.66 2.09 16.20
CA SER A 466 15.09 0.72 15.86
C SER A 466 14.53 0.23 14.49
N ILE A 467 13.24 0.49 14.28
CA ILE A 467 12.57 0.08 13.04
C ILE A 467 13.20 0.78 11.85
N VAL A 468 13.43 2.09 11.99
CA VAL A 468 14.12 2.87 10.94
C VAL A 468 15.48 2.30 10.61
N LYS A 469 16.21 1.89 11.64
CA LYS A 469 17.55 1.31 11.40
C LYS A 469 17.40 -0.01 10.67
N ARG A 470 16.46 -0.83 11.16
CA ARG A 470 16.26 -2.15 10.53
C ARG A 470 15.84 -2.01 9.02
N TRP A 471 14.88 -1.12 8.71
CA TRP A 471 14.47 -0.87 7.32
C TRP A 471 15.59 -0.35 6.47
N ALA A 472 16.37 0.59 7.04
CA ALA A 472 17.53 1.12 6.34
C ALA A 472 18.62 0.06 6.11
N ASN A 473 18.93 -0.72 7.12
CA ASN A 473 19.92 -1.79 6.85
C ASN A 473 19.39 -2.75 5.84
N PHE A 474 18.08 -3.06 5.91
CA PHE A 474 17.54 -3.92 4.85
C PHE A 474 17.79 -3.31 3.47
N ALA A 475 17.41 -2.04 3.31
CA ALA A 475 17.60 -1.42 2.00
C ALA A 475 19.08 -1.40 1.60
N LYS A 476 19.96 -0.96 2.49
CA LYS A 476 21.38 -0.82 2.09
C LYS A 476 22.07 -2.20 1.94
N TYR A 477 21.68 -3.20 2.75
CA TYR A 477 22.52 -4.41 2.84
C TYR A 477 21.75 -5.73 2.73
N GLY A 478 20.42 -5.64 2.63
CA GLY A 478 19.58 -6.79 2.41
C GLY A 478 19.32 -7.59 3.68
N ASN A 479 19.55 -6.96 4.83
CA ASN A 479 19.51 -7.62 6.10
C ASN A 479 19.00 -6.73 7.21
N PRO A 480 17.79 -6.98 7.75
CA PRO A 480 17.17 -5.96 8.61
C PRO A 480 17.60 -6.04 10.07
N GLN A 481 18.91 -6.02 10.30
CA GLN A 481 19.42 -6.20 11.67
C GLN A 481 19.58 -4.82 12.26
N GLU A 482 19.50 -4.70 13.60
CA GLU A 482 19.98 -3.54 14.32
C GLU A 482 21.22 -4.06 15.07
N THR A 483 22.43 -3.76 14.55
CA THR A 483 23.61 -4.50 15.00
C THR A 483 24.29 -3.94 16.30
N GLN A 484 23.91 -2.74 16.73
CA GLN A 484 24.67 -2.04 17.76
C GLN A 484 24.15 -2.11 19.18
N ASN A 485 22.87 -2.32 19.38
CA ASN A 485 22.34 -2.17 20.71
C ASN A 485 21.88 -3.51 21.28
N ASN A 486 22.71 -4.55 21.14
CA ASN A 486 22.34 -5.88 21.62
C ASN A 486 20.86 -6.18 21.29
N SER A 487 20.50 -6.06 20.03
CA SER A 487 19.12 -6.28 19.66
C SER A 487 18.88 -7.73 19.30
N THR A 488 17.62 -8.14 19.33
CA THR A 488 17.28 -9.47 18.87
C THR A 488 17.62 -9.52 17.40
N SER A 489 18.22 -10.61 17.01
CA SER A 489 18.67 -10.86 15.68
C SER A 489 17.41 -11.32 14.89
N TRP A 490 17.21 -10.81 13.68
CA TRP A 490 15.99 -11.13 12.94
C TRP A 490 16.31 -12.30 12.01
N PRO A 491 15.76 -13.53 12.24
CA PRO A 491 16.08 -14.69 11.40
C PRO A 491 15.35 -14.65 10.08
N VAL A 492 15.93 -15.27 9.04
CA VAL A 492 15.17 -15.40 7.84
C VAL A 492 13.99 -16.34 8.04
N PHE A 493 12.98 -16.07 7.22
CA PHE A 493 11.76 -16.84 7.21
C PHE A 493 11.92 -17.89 6.16
N LYS A 494 11.70 -19.15 6.56
CA LYS A 494 11.83 -20.31 5.67
C LYS A 494 10.51 -21.06 5.73
N SER A 495 10.08 -21.70 4.64
CA SER A 495 9.05 -22.74 4.80
C SER A 495 9.72 -23.70 5.74
N THR A 496 8.95 -24.47 6.44
CA THR A 496 9.48 -25.27 7.51
C THR A 496 9.33 -24.47 8.79
N GLU A 497 10.31 -23.68 9.20
CA GLU A 497 10.15 -23.05 10.53
C GLU A 497 9.27 -21.84 10.58
N GLN A 498 9.26 -21.07 9.51
CA GLN A 498 8.42 -19.88 9.49
C GLN A 498 8.63 -18.99 10.73
N LYS A 499 9.88 -18.63 10.98
CA LYS A 499 10.25 -17.71 12.08
C LYS A 499 9.91 -16.27 11.72
N TYR A 500 9.44 -15.52 12.70
CA TYR A 500 9.12 -14.07 12.48
C TYR A 500 9.53 -13.31 13.71
N LEU A 501 9.68 -12.01 13.53
CA LEU A 501 10.06 -11.09 14.60
C LEU A 501 8.87 -10.20 15.01
N THR A 502 8.61 -10.14 16.32
CA THR A 502 7.57 -9.28 16.83
C THR A 502 8.16 -7.86 17.12
N LEU A 503 7.41 -6.81 16.77
CA LEU A 503 7.87 -5.42 16.96
C LEU A 503 6.93 -4.81 17.99
N ASN A 504 7.49 -4.48 19.14
CA ASN A 504 6.71 -3.89 20.24
C ASN A 504 7.67 -3.09 21.13
N THR A 505 7.14 -2.30 22.07
CA THR A 505 8.05 -1.45 22.86
C THR A 505 8.80 -2.21 23.94
N GLU A 506 8.20 -3.26 24.48
CA GLU A 506 8.93 -3.96 25.55
C GLU A 506 10.16 -4.71 25.06
N SER A 507 9.99 -5.95 24.57
CA SER A 507 11.10 -6.57 23.83
C SER A 507 10.60 -7.54 22.78
N THR A 508 11.34 -7.55 21.69
CA THR A 508 10.93 -8.23 20.52
C THR A 508 11.30 -9.70 20.61
N ARG A 509 10.40 -10.58 20.17
CA ARG A 509 10.65 -11.99 20.20
C ARG A 509 10.77 -12.60 18.83
N ILE A 510 11.50 -13.71 18.76
CA ILE A 510 11.41 -14.57 17.63
C ILE A 510 10.28 -15.60 17.94
N MET A 511 9.29 -15.73 17.05
CA MET A 511 8.24 -16.77 17.18
C MET A 511 8.15 -17.50 15.89
N THR A 512 7.21 -18.44 15.83
CA THR A 512 7.08 -19.33 14.66
C THR A 512 5.62 -19.54 14.29
N LYS A 513 5.38 -19.70 13.00
CA LYS A 513 4.07 -20.11 12.52
C LYS A 513 2.94 -19.23 12.99
N LEU A 514 3.07 -17.95 12.69
CA LEU A 514 1.98 -16.99 12.98
C LEU A 514 0.62 -17.47 12.44
N ARG A 515 -0.42 -17.42 13.24
CA ARG A 515 -1.78 -17.77 12.77
C ARG A 515 -1.86 -19.13 12.09
N ALA A 516 -1.11 -20.10 12.59
CA ALA A 516 -1.00 -21.37 11.84
C ALA A 516 -2.39 -21.92 11.57
N GLN A 517 -3.22 -22.04 12.60
CA GLN A 517 -4.52 -22.76 12.42
C GLN A 517 -5.47 -21.95 11.52
N GLN A 518 -5.43 -20.62 11.71
CA GLN A 518 -6.30 -19.72 10.91
C GLN A 518 -5.98 -19.74 9.47
N CYS A 519 -4.70 -19.64 9.13
CA CYS A 519 -4.33 -19.51 7.75
C CYS A 519 -4.49 -20.84 7.03
N ARG A 520 -4.31 -21.97 7.75
CA ARG A 520 -4.69 -23.26 7.11
C ARG A 520 -6.13 -23.22 6.64
N PHE A 521 -7.03 -22.68 7.45
CA PHE A 521 -8.40 -22.41 6.99
C PHE A 521 -8.54 -21.49 5.72
N TRP A 522 -7.93 -20.32 5.75
CA TRP A 522 -8.15 -19.36 4.65
C TRP A 522 -7.45 -19.82 3.43
N THR A 523 -6.29 -20.42 3.67
CA THR A 523 -5.37 -20.70 2.60
C THR A 523 -5.71 -22.03 1.95
N SER A 524 -6.02 -23.05 2.73
CA SER A 524 -6.26 -24.35 2.09
C SER A 524 -7.71 -24.56 1.80
N PHE A 525 -8.55 -24.50 2.84
CA PHE A 525 -9.96 -24.74 2.65
C PHE A 525 -10.83 -23.65 1.96
N PHE A 526 -10.93 -22.46 2.58
CA PHE A 526 -11.86 -21.41 2.09
C PHE A 526 -11.87 -21.18 0.55
N PRO A 527 -10.71 -21.22 -0.10
CA PRO A 527 -10.77 -20.90 -1.56
C PRO A 527 -11.56 -21.92 -2.40
N LYS A 528 -11.93 -23.07 -1.80
C LYS A 528 -13.88 -23.46 -2.25
N VAL A 529 -14.48 -22.79 -1.27
CA VAL A 529 -15.93 -22.80 -1.12
C VAL A 529 -16.67 -21.92 -2.17
C1 NAG B . -22.56 1.19 19.76
C2 NAG B . -23.81 0.50 20.30
C3 NAG B . -24.64 -0.09 19.17
C4 NAG B . -24.88 0.90 18.06
C5 NAG B . -23.54 1.44 17.65
C6 NAG B . -23.55 2.38 16.44
C7 NAG B . -23.01 -0.61 22.34
C8 NAG B . -23.15 0.65 23.12
N2 NAG B . -23.53 -0.64 21.11
O3 NAG B . -25.85 -0.59 19.66
O4 NAG B . -25.36 0.14 17.00
O5 NAG B . -22.99 2.09 18.77
O6 NAG B . -24.79 3.02 16.14
O7 NAG B . -22.44 -1.61 22.81
C1 NAG B . -26.71 0.54 16.87
C2 NAG B . -27.30 0.24 15.50
C3 NAG B . -28.73 0.75 15.42
C4 NAG B . -29.49 0.55 16.75
C5 NAG B . -28.61 0.88 17.97
C6 NAG B . -29.39 0.65 19.26
C7 NAG B . -26.13 0.50 13.34
C8 NAG B . -26.98 0.94 12.17
N2 NAG B . -26.50 0.97 14.53
O3 NAG B . -29.41 0.09 14.38
O4 NAG B . -30.67 1.33 16.79
O5 NAG B . -27.48 0.03 17.94
O6 NAG B . -30.70 0.35 18.83
O7 NAG B . -25.16 -0.24 13.18
C1 FUL B . -24.94 4.12 17.04
C2 FUL B . -26.01 5.13 16.69
O2 FUL B . -26.97 4.60 15.81
C3 FUL B . -26.50 5.46 18.09
O3 FUL B . -27.51 6.44 18.01
C4 FUL B . -25.33 6.01 18.93
O4 FUL B . -25.17 7.39 18.65
C5 FUL B . -24.00 5.25 18.72
C6 FUL B . -22.72 5.90 19.29
O5 FUL B . -23.84 4.94 17.35
C1 NAG C . 27.87 3.61 -6.31
C2 NAG C . 28.95 4.00 -7.34
C3 NAG C . 29.02 3.04 -8.54
C4 NAG C . 29.04 1.57 -8.12
C5 NAG C . 27.86 1.39 -7.16
C6 NAG C . 27.56 -0.06 -6.75
C7 NAG C . 29.48 6.40 -7.38
C8 NAG C . 30.19 6.29 -6.06
N2 NAG C . 28.77 5.36 -7.83
O3 NAG C . 30.18 3.32 -9.30
O4 NAG C . 28.98 0.77 -9.29
O5 NAG C . 28.02 2.23 -6.02
O6 NAG C . 26.49 -0.11 -5.83
O7 NAG C . 29.54 7.44 -8.02
C1 FUL C . 26.51 -1.35 -5.10
C2 FUL C . 25.27 -2.21 -5.42
O2 FUL C . 25.65 -3.42 -6.07
C3 FUL C . 24.31 -2.53 -4.27
O3 FUL C . 23.08 -1.93 -4.54
C4 FUL C . 24.69 -2.10 -2.85
O4 FUL C . 23.50 -1.75 -2.14
C5 FUL C . 25.79 -1.03 -2.78
C6 FUL C . 25.27 0.39 -2.87
O5 FUL C . 26.83 -1.20 -3.73
C1 NAG D . -22.38 -7.41 -13.87
C2 NAG D . -22.28 -8.30 -12.63
C3 NAG D . -23.61 -8.93 -12.33
C4 NAG D . -24.67 -7.87 -12.12
C5 NAG D . -24.66 -6.81 -13.22
C6 NAG D . -25.35 -5.61 -12.56
C7 NAG D . -20.33 -9.47 -11.93
C8 NAG D . -20.70 -9.48 -10.47
N2 NAG D . -21.34 -9.38 -12.79
O3 NAG D . -23.48 -9.64 -11.12
O4 NAG D . -25.90 -8.58 -12.08
O5 NAG D . -23.36 -6.40 -13.64
O6 NAG D . -25.92 -4.72 -13.49
O7 NAG D . -19.15 -9.51 -12.32
C1 NAG D . -26.86 -7.97 -11.19
C2 NAG D . -28.06 -7.55 -12.02
C3 NAG D . -28.72 -6.52 -11.15
C4 NAG D . -29.46 -7.43 -10.16
C5 NAG D . -28.41 -8.25 -9.34
C6 NAG D . -29.10 -9.36 -8.56
C7 NAG D . -28.63 -6.67 -14.23
C8 NAG D . -29.32 -5.34 -13.98
N2 NAG D . -27.71 -7.07 -13.35
O3 NAG D . -29.51 -5.60 -11.89
O4 NAG D . -30.35 -6.69 -9.35
O5 NAG D . -27.31 -8.79 -10.10
O6 NAG D . -30.47 -9.06 -8.36
O7 NAG D . -28.91 -7.33 -15.22
C1 FUL D . -25.67 -3.40 -12.98
C2 FUL D . -26.26 -3.07 -11.63
O2 FUL D . -26.40 -4.23 -10.84
C3 FUL D . -25.19 -2.16 -11.06
O3 FUL D . -25.52 -1.69 -9.78
C4 FUL D . -24.90 -1.00 -12.02
O4 FUL D . -25.83 0.03 -11.84
C5 FUL D . -24.89 -1.41 -13.50
C6 FUL D . -24.96 -0.19 -14.42
O5 FUL D . -25.94 -2.29 -13.80
C2 TC3 E . -8.14 -2.76 0.19
C1 TC3 E . -7.16 -2.90 1.36
O3 TC3 E . -6.01 -2.28 0.89
P TC3 E . -5.23 -1.10 1.57
O2 TC3 E . -4.86 -0.17 0.51
N TC3 E . -6.11 -0.60 2.85
C3 TC3 E . -7.06 0.52 2.63
NA NA F . -14.72 -27.22 6.13
S SO4 G . -2.43 -12.15 18.63
O1 SO4 G . -3.83 -11.97 18.29
O2 SO4 G . -1.61 -11.02 18.20
O3 SO4 G . -2.28 -12.22 20.07
O4 SO4 G . -1.99 -13.41 18.01
CL CL H . -0.44 11.99 12.58
CL CL I . -14.64 -17.82 29.06
CL CL J . -1.18 -16.75 16.22
S SO4 K . 19.78 -14.19 -0.83
O1 SO4 K . 20.76 -13.43 -1.62
O2 SO4 K . 18.41 -13.64 -1.04
O3 SO4 K . 20.13 -14.14 0.60
O4 SO4 K . 19.83 -15.62 -1.21
CL CL L . -27.24 -20.30 14.58
C1 NAG M . 10.84 29.87 -7.71
C2 NAG M . 11.17 31.36 -7.97
C3 NAG M . 12.26 31.92 -7.05
C4 NAG M . 11.90 31.70 -5.58
C5 NAG M . 11.65 30.18 -5.44
C6 NAG M . 11.48 29.68 -3.99
C7 NAG M . 10.57 31.86 -10.23
C8 NAG M . 10.42 33.31 -10.61
N2 NAG M . 11.53 31.60 -9.35
O3 NAG M . 12.47 33.29 -7.30
O4 NAG M . 12.94 32.18 -4.75
O5 NAG M . 10.57 29.75 -6.30
O6 NAG M . 10.37 30.30 -3.35
O7 NAG M . 9.83 30.98 -10.68
C1 NAG N . 21.11 2.58 20.43
C2 NAG N . 20.30 3.48 19.46
C3 NAG N . 20.45 4.97 19.79
C4 NAG N . 20.26 5.20 21.31
C5 NAG N . 21.24 4.27 22.05
C6 NAG N . 21.37 4.56 23.57
C7 NAG N . 19.67 2.52 17.35
C8 NAG N . 19.87 2.49 15.87
N2 NAG N . 20.60 3.17 18.07
O3 NAG N . 19.56 5.77 19.05
O4 NAG N . 20.55 6.55 21.65
O5 NAG N . 20.81 2.95 21.77
O6 NAG N . 21.95 3.49 24.31
O7 NAG N . 18.66 1.97 17.84
C1 NAG O . -14.88 0.86 -33.79
C2 NAG O . -14.38 0.39 -35.15
C3 NAG O . -12.96 0.94 -35.28
C4 NAG O . -12.98 2.47 -35.18
C5 NAG O . -13.73 2.92 -33.93
C6 NAG O . -13.91 4.45 -33.95
C7 NAG O . -15.53 -1.82 -35.58
C8 NAG O . -15.94 -2.10 -37.02
N2 NAG O . -14.44 -1.07 -35.33
O3 NAG O . -12.41 0.58 -36.53
O4 NAG O . -11.67 3.01 -35.16
O5 NAG O . -14.99 2.27 -33.88
O6 NAG O . -12.73 5.10 -34.41
O7 NAG O . -16.22 -2.33 -34.68
#